data_4Y46
#
_entry.id   4Y46
#
_cell.length_a   53.800
_cell.length_b   72.140
_cell.length_c   107.940
_cell.angle_alpha   90.00
_cell.angle_beta   90.00
_cell.angle_gamma   90.00
#
_symmetry.space_group_name_H-M   'P 21 21 21'
#
loop_
_entity.id
_entity.type
_entity.pdbx_description
1 polymer 'Mitogen-activated protein kinase 10'
2 non-polymer 1-{trans-4-[(8-cyclopentyl-7-oxo-7,8-dihydropyrido[2,3-d]pyrimidin-2-yl)amino]cyclohexyl}-3-propan-2-ylurea
3 water water
#
_entity_poly.entity_id   1
_entity_poly.type   'polypeptide(L)'
_entity_poly.pdbx_seq_one_letter_code
;MAMSKSKVDNQFYSVEVGDSTFTVLKRYQNLKPIGSGAQGIVCAAYDAVLDRNVAIKKLSRPFQNQTHAKRAYRELVLMK
CVNHKNIISLLNVFTPQKTLEEFQDVYLVMELMDANLCQVIQMELDHERMSYLLYQMLCGIKHLHSAGIIHRDLKPSNIV
VKSDCTLKILDFGLARTAGTSFMMTPYVVTRYYRAPEVILGMGYKENVDIWSVGCIMGEMVRHKILFPGRDYIDQWNKVI
EQLGTPCPEFMKKLQPTVRNYVENRPKYAGLTFPKLFPDSLFPADSEHNKLKASQARDLLSKMLVIDPAKRISVDDALQH
PYINVWYDPAEVEAPPPQIYDKQLDEREHTIEEWKELIYKEVMNSE
;
_entity_poly.pdbx_strand_id   A
#
loop_
_chem_comp.id
_chem_comp.type
_chem_comp.name
_chem_comp.formula
4F2 non-polymer 1-{trans-4-[(8-cyclopentyl-7-oxo-7,8-dihydropyrido[2,3-d]pyrimidin-2-yl)amino]cyclohexyl}-3-propan-2-ylurea 'C22 H32 N6 O2'
#
# COMPACT_ATOMS: atom_id res chain seq x y z
N ASP A 9 2.92 -8.14 -39.74
CA ASP A 9 2.37 -6.81 -39.99
C ASP A 9 1.98 -6.14 -38.68
N ASN A 10 0.91 -6.62 -38.06
CA ASN A 10 0.44 -6.09 -36.78
C ASN A 10 1.48 -6.21 -35.66
N GLN A 11 1.65 -5.18 -34.85
CA GLN A 11 2.65 -5.26 -33.77
C GLN A 11 2.06 -5.73 -32.44
N PHE A 12 0.83 -6.24 -32.48
CA PHE A 12 0.20 -6.82 -31.29
C PHE A 12 -0.30 -8.23 -31.55
N TYR A 13 -0.57 -8.96 -30.46
CA TYR A 13 -1.23 -10.25 -30.56
C TYR A 13 -2.05 -10.43 -29.32
N SER A 14 -2.99 -11.37 -29.37
CA SER A 14 -3.92 -11.55 -28.25
C SER A 14 -3.95 -13.00 -27.75
N VAL A 15 -4.14 -13.16 -26.43
CA VAL A 15 -4.30 -14.48 -25.79
C VAL A 15 -5.26 -14.39 -24.64
N GLU A 16 -5.92 -15.51 -24.34
CA GLU A 16 -6.85 -15.58 -23.21
C GLU A 16 -6.12 -15.93 -21.93
N VAL A 17 -6.45 -15.20 -20.88
CA VAL A 17 -5.90 -15.41 -19.55
C VAL A 17 -7.03 -15.34 -18.52
N GLY A 18 -7.72 -16.47 -18.35
CA GLY A 18 -8.89 -16.53 -17.51
C GLY A 18 -10.11 -15.96 -18.21
N ASP A 19 -10.82 -15.09 -17.53
CA ASP A 19 -11.93 -14.39 -18.16
C ASP A 19 -11.39 -13.50 -19.26
N SER A 20 -10.30 -12.83 -18.93
CA SER A 20 -9.84 -11.71 -19.70
C SER A 20 -9.16 -12.11 -21.01
N THR A 21 -8.98 -11.10 -21.86
CA THR A 21 -8.27 -11.24 -23.12
C THR A 21 -7.10 -10.24 -23.17
N PHE A 22 -5.88 -10.72 -23.00
CA PHE A 22 -4.70 -9.84 -23.06
C PHE A 22 -4.20 -9.64 -24.49
N THR A 23 -4.34 -8.42 -25.02
CA THR A 23 -3.83 -8.07 -26.34
C THR A 23 -2.59 -7.21 -26.11
N VAL A 24 -1.43 -7.79 -26.41
CA VAL A 24 -0.16 -7.21 -25.96
C VAL A 24 0.84 -7.14 -27.11
N LEU A 25 1.83 -6.25 -26.98
CA LEU A 25 2.93 -6.13 -27.94
C LEU A 25 3.71 -7.43 -28.13
N LYS A 26 4.21 -7.65 -29.34
CA LYS A 26 4.78 -8.97 -29.65
C LYS A 26 6.06 -9.29 -28.88
N ARG A 27 6.76 -8.26 -28.40
CA ARG A 27 7.90 -8.45 -27.52
C ARG A 27 7.58 -9.24 -26.26
N TYR A 28 6.32 -9.25 -25.84
CA TYR A 28 5.92 -9.84 -24.54
C TYR A 28 5.40 -11.23 -24.81
N GLN A 29 6.16 -12.22 -24.33
CA GLN A 29 5.90 -13.65 -24.59
C GLN A 29 5.56 -14.46 -23.30
N ASN A 30 4.89 -15.59 -23.50
CA ASN A 30 4.61 -16.58 -22.48
C ASN A 30 3.91 -15.99 -21.26
N LEU A 31 2.77 -15.32 -21.48
CA LEU A 31 2.02 -14.72 -20.39
C LEU A 31 1.48 -15.79 -19.45
N LYS A 32 1.50 -15.46 -18.16
CA LYS A 32 1.02 -16.33 -17.08
C LYS A 32 0.35 -15.46 -16.00
N PRO A 33 -0.89 -15.79 -15.59
CA PRO A 33 -1.52 -14.96 -14.57
C PRO A 33 -0.82 -15.10 -13.23
N ILE A 34 -0.85 -14.04 -12.43
CA ILE A 34 -0.18 -14.06 -11.14
C ILE A 34 -0.94 -13.30 -10.06
N GLY A 35 -2.13 -12.83 -10.40
CA GLY A 35 -2.97 -12.17 -9.41
C GLY A 35 -4.01 -11.30 -10.08
N SER A 36 -4.87 -10.70 -9.26
CA SER A 36 -5.92 -9.83 -9.75
C SER A 36 -6.49 -8.98 -8.61
N GLY A 37 -6.18 -7.69 -8.63
CA GLY A 37 -6.66 -6.77 -7.61
C GLY A 37 -7.98 -6.14 -8.02
N ALA A 38 -8.09 -4.84 -7.79
CA ALA A 38 -9.31 -4.08 -8.09
C ALA A 38 -9.27 -3.44 -9.48
N GLN A 39 -8.18 -2.71 -9.77
CA GLN A 39 -8.04 -2.02 -11.06
C GLN A 39 -7.91 -2.99 -12.26
N GLY A 40 -7.49 -4.24 -12.02
CA GLY A 40 -7.39 -5.18 -13.13
C GLY A 40 -6.75 -6.55 -12.88
N ILE A 41 -6.35 -7.18 -13.98
CA ILE A 41 -5.73 -8.52 -13.98
C ILE A 41 -4.24 -8.38 -14.26
N VAL A 42 -3.41 -9.22 -13.64
CA VAL A 42 -1.96 -9.11 -13.80
C VAL A 42 -1.30 -10.41 -14.24
N CYS A 43 -0.45 -10.33 -15.27
CA CYS A 43 0.28 -11.49 -15.79
C CYS A 43 1.79 -11.28 -15.68
N ALA A 44 2.53 -12.36 -15.50
CA ALA A 44 3.98 -12.36 -15.68
C ALA A 44 4.21 -12.56 -17.16
N ALA A 45 5.33 -12.08 -17.69
CA ALA A 45 5.67 -12.38 -19.09
C ALA A 45 7.16 -12.17 -19.34
N TYR A 46 7.66 -12.76 -20.41
CA TYR A 46 9.05 -12.61 -20.84
C TYR A 46 9.14 -11.47 -21.86
N ASP A 47 10.04 -10.50 -21.64
CA ASP A 47 10.24 -9.39 -22.56
C ASP A 47 11.43 -9.64 -23.46
N ALA A 48 11.15 -10.15 -24.66
CA ALA A 48 12.18 -10.55 -25.61
C ALA A 48 13.11 -9.40 -26.04
N VAL A 49 12.72 -8.15 -25.79
CA VAL A 49 13.53 -7.01 -26.25
C VAL A 49 14.55 -6.64 -25.19
N LEU A 50 14.11 -6.74 -23.93
CA LEU A 50 14.97 -6.48 -22.80
C LEU A 50 15.65 -7.75 -22.25
N ASP A 51 15.13 -8.93 -22.61
CA ASP A 51 15.67 -10.20 -22.14
C ASP A 51 15.49 -10.26 -20.64
N ARG A 52 14.28 -9.92 -20.18
CA ARG A 52 13.93 -9.98 -18.78
C ARG A 52 12.45 -10.23 -18.61
N ASN A 53 12.07 -10.69 -17.42
CA ASN A 53 10.68 -10.93 -17.08
C ASN A 53 10.03 -9.66 -16.59
N VAL A 54 8.73 -9.49 -16.88
CA VAL A 54 8.02 -8.27 -16.53
C VAL A 54 6.66 -8.68 -16.01
N ALA A 55 5.99 -7.77 -15.29
CA ALA A 55 4.60 -7.87 -14.89
C ALA A 55 3.79 -6.95 -15.78
N ILE A 56 2.66 -7.44 -16.30
CA ILE A 56 1.77 -6.63 -17.17
C ILE A 56 0.40 -6.56 -16.57
N LYS A 57 -0.03 -5.34 -16.28
CA LYS A 57 -1.37 -5.08 -15.70
C LYS A 57 -2.31 -4.50 -16.73
N LYS A 58 -3.49 -5.10 -16.87
CA LYS A 58 -4.53 -4.61 -17.77
C LYS A 58 -5.56 -3.78 -17.03
N LEU A 59 -5.73 -2.55 -17.45
CA LEU A 59 -6.81 -1.69 -16.98
C LEU A 59 -7.92 -1.72 -18.03
N SER A 60 -9.09 -2.28 -17.74
CA SER A 60 -10.20 -2.31 -18.71
C SER A 60 -11.12 -1.12 -18.59
N ARG A 61 -11.29 -0.38 -19.69
CA ARG A 61 -12.13 0.82 -19.70
C ARG A 61 -11.95 1.64 -18.41
N PRO A 62 -10.71 2.08 -18.10
CA PRO A 62 -10.50 2.75 -16.82
C PRO A 62 -11.31 4.03 -16.64
N PHE A 63 -11.71 4.59 -17.77
CA PHE A 63 -12.47 5.82 -17.81
C PHE A 63 -13.96 5.55 -17.61
N GLN A 64 -14.33 4.31 -17.27
CA GLN A 64 -15.74 3.93 -17.21
C GLN A 64 -16.51 4.62 -16.07
N ASN A 65 -15.82 5.02 -15.01
CA ASN A 65 -16.44 5.89 -14.02
C ASN A 65 -15.37 6.71 -13.29
N GLN A 66 -15.83 7.72 -12.53
CA GLN A 66 -14.95 8.61 -11.78
C GLN A 66 -13.90 7.90 -10.98
N THR A 67 -14.33 6.93 -10.19
CA THR A 67 -13.44 6.20 -9.29
C THR A 67 -12.31 5.52 -10.05
N HIS A 68 -12.64 4.78 -11.11
CA HIS A 68 -11.58 4.12 -11.89
C HIS A 68 -10.70 5.15 -12.56
N ALA A 69 -11.34 6.16 -13.18
CA ALA A 69 -10.63 7.11 -14.02
C ALA A 69 -9.61 7.92 -13.25
N LYS A 70 -10.02 8.45 -12.09
CA LYS A 70 -9.10 9.22 -11.26
C LYS A 70 -7.92 8.39 -10.81
N ARG A 71 -8.20 7.16 -10.35
CA ARG A 71 -7.17 6.19 -9.97
C ARG A 71 -6.20 5.85 -11.12
N ALA A 72 -6.75 5.47 -12.28
CA ALA A 72 -5.91 5.21 -13.46
C ALA A 72 -5.10 6.42 -13.83
N TYR A 73 -5.75 7.57 -13.93
CA TYR A 73 -5.03 8.76 -14.38
C TYR A 73 -3.89 9.07 -13.43
N ARG A 74 -4.19 9.14 -12.14
CA ARG A 74 -3.21 9.38 -11.07
C ARG A 74 -2.05 8.41 -11.08
N GLU A 75 -2.36 7.12 -11.16
CA GLU A 75 -1.34 6.06 -11.13
C GLU A 75 -0.40 6.21 -12.32
N LEU A 76 -0.95 6.56 -13.47
CA LEU A 76 -0.16 6.68 -14.69
C LEU A 76 0.76 7.88 -14.64
N VAL A 77 0.24 9.00 -14.17
CA VAL A 77 1.03 10.21 -14.04
C VAL A 77 2.11 10.06 -12.96
N LEU A 78 1.73 9.52 -11.81
CA LEU A 78 2.69 9.40 -10.71
C LEU A 78 3.77 8.35 -10.99
N MET A 79 3.39 7.21 -11.54
CA MET A 79 4.36 6.14 -11.82
C MET A 79 5.41 6.58 -12.80
N LYS A 80 5.04 7.51 -13.67
CA LYS A 80 5.97 7.98 -14.68
C LYS A 80 6.96 8.97 -14.11
N CYS A 81 6.51 9.88 -13.23
CA CYS A 81 7.41 10.92 -12.75
C CYS A 81 8.05 10.61 -11.39
N VAL A 82 7.53 9.65 -10.63
CA VAL A 82 8.20 9.26 -9.38
C VAL A 82 9.26 8.22 -9.65
N ASN A 83 10.47 8.52 -9.22
CA ASN A 83 11.66 7.71 -9.48
C ASN A 83 12.38 7.29 -8.19
N HIS A 84 12.06 6.11 -7.65
CA HIS A 84 12.72 5.65 -6.44
C HIS A 84 12.80 4.12 -6.34
N LYS A 85 13.88 3.63 -5.74
CA LYS A 85 14.18 2.20 -5.75
C LYS A 85 13.17 1.37 -4.95
N ASN A 86 12.41 1.99 -4.05
CA ASN A 86 11.35 1.26 -3.35
C ASN A 86 9.92 1.61 -3.81
N ILE A 87 9.80 2.17 -5.02
CA ILE A 87 8.50 2.40 -5.63
C ILE A 87 8.54 1.67 -6.98
N ILE A 88 7.50 0.90 -7.26
CA ILE A 88 7.49 0.08 -8.45
C ILE A 88 7.66 1.01 -9.66
N SER A 89 8.53 0.60 -10.57
CA SER A 89 8.92 1.36 -11.74
C SER A 89 8.08 0.97 -12.95
N LEU A 90 7.69 1.95 -13.74
CA LEU A 90 6.98 1.72 -14.98
C LEU A 90 7.98 1.50 -16.12
N LEU A 91 7.98 0.31 -16.70
CA LEU A 91 8.85 -0.01 -17.85
C LEU A 91 8.27 0.38 -19.21
N ASN A 92 6.97 0.21 -19.37
CA ASN A 92 6.33 0.50 -20.65
C ASN A 92 4.84 0.63 -20.38
N VAL A 93 4.17 1.37 -21.24
CA VAL A 93 2.73 1.57 -21.21
C VAL A 93 2.24 1.48 -22.64
N PHE A 94 1.14 0.79 -22.91
CA PHE A 94 0.55 0.81 -24.27
C PHE A 94 -0.95 0.51 -24.28
N THR A 95 -1.59 0.88 -25.37
CA THR A 95 -2.93 0.38 -25.69
C THR A 95 -2.85 -0.20 -27.10
N PRO A 96 -3.53 -1.32 -27.32
CA PRO A 96 -3.49 -1.86 -28.68
C PRO A 96 -4.45 -1.11 -29.60
N GLN A 97 -5.30 -0.25 -29.06
CA GLN A 97 -6.26 0.46 -29.90
C GLN A 97 -5.61 1.68 -30.58
N LYS A 98 -6.02 1.92 -31.82
CA LYS A 98 -5.33 2.85 -32.71
C LYS A 98 -5.86 4.28 -32.64
N THR A 99 -7.09 4.47 -32.14
CA THR A 99 -7.67 5.81 -32.03
C THR A 99 -8.39 6.09 -30.72
N LEU A 100 -8.55 7.37 -30.42
CA LEU A 100 -9.30 7.81 -29.25
C LEU A 100 -10.71 7.23 -29.25
N GLU A 101 -11.31 7.08 -30.42
CA GLU A 101 -12.69 6.61 -30.53
C GLU A 101 -12.76 5.14 -30.12
N GLU A 102 -11.81 4.36 -30.62
CA GLU A 102 -11.70 2.93 -30.36
C GLU A 102 -11.09 2.56 -29.01
N PHE A 103 -10.38 3.51 -28.40
CA PHE A 103 -9.63 3.29 -27.17
C PHE A 103 -10.44 2.63 -26.05
N GLN A 104 -9.89 1.56 -25.48
CA GLN A 104 -10.56 0.82 -24.41
C GLN A 104 -9.68 0.44 -23.22
N ASP A 105 -8.58 -0.25 -23.48
CA ASP A 105 -7.74 -0.83 -22.45
C ASP A 105 -6.36 -0.19 -22.45
N VAL A 106 -5.77 -0.12 -21.25
CA VAL A 106 -4.41 0.33 -21.01
C VAL A 106 -3.65 -0.79 -20.35
N TYR A 107 -2.42 -1.01 -20.81
CA TYR A 107 -1.55 -2.06 -20.26
C TYR A 107 -0.33 -1.39 -19.69
N LEU A 108 -0.05 -1.66 -18.41
CA LEU A 108 1.11 -1.12 -17.73
C LEU A 108 2.11 -2.24 -17.57
N VAL A 109 3.37 -1.97 -17.89
CA VAL A 109 4.44 -2.97 -17.83
C VAL A 109 5.40 -2.53 -16.75
N MET A 110 5.59 -3.42 -15.79
CA MET A 110 6.43 -3.18 -14.61
C MET A 110 7.44 -4.28 -14.37
N GLU A 111 8.43 -3.99 -13.54
CA GLU A 111 9.41 -5.01 -13.15
C GLU A 111 8.66 -6.12 -12.45
N LEU A 112 9.09 -7.36 -12.67
CA LEU A 112 8.43 -8.52 -12.09
C LEU A 112 9.02 -8.91 -10.73
N MET A 113 8.17 -8.96 -9.73
CA MET A 113 8.60 -9.30 -8.38
C MET A 113 8.12 -10.70 -8.04
N ASP A 114 8.64 -11.23 -6.95
CA ASP A 114 8.43 -12.64 -6.60
C ASP A 114 7.22 -12.86 -5.70
N ALA A 115 6.92 -11.89 -4.82
CA ALA A 115 5.85 -12.08 -3.87
C ALA A 115 5.25 -10.78 -3.37
N ASN A 116 4.01 -10.90 -2.88
CA ASN A 116 3.30 -9.94 -2.00
C ASN A 116 3.92 -9.92 -0.61
N LEU A 117 3.80 -8.82 0.11
CA LEU A 117 4.17 -8.83 1.53
C LEU A 117 3.32 -9.79 2.36
N CYS A 118 2.09 -10.06 1.93
CA CYS A 118 1.23 -11.01 2.62
C CYS A 118 1.94 -12.30 2.81
N GLN A 119 2.59 -12.76 1.75
CA GLN A 119 3.25 -14.03 1.76
C GLN A 119 4.45 -14.03 2.70
N VAL A 120 5.16 -12.91 2.74
CA VAL A 120 6.35 -12.78 3.58
C VAL A 120 5.97 -12.76 5.07
N ILE A 121 4.89 -12.06 5.41
CA ILE A 121 4.34 -12.00 6.78
C ILE A 121 4.08 -13.34 7.41
N GLN A 122 3.64 -14.28 6.58
CA GLN A 122 3.30 -15.60 7.07
C GLN A 122 4.56 -16.39 7.49
N MET A 123 5.73 -15.97 7.02
CA MET A 123 6.97 -16.69 7.33
C MET A 123 7.60 -16.27 8.66
N GLU A 124 8.40 -17.16 9.22
CA GLU A 124 9.28 -16.83 10.33
C GLU A 124 10.38 -15.99 9.70
N LEU A 125 10.57 -14.79 10.23
CA LEU A 125 11.54 -13.85 9.67
C LEU A 125 12.56 -13.40 10.71
N ASP A 126 13.84 -13.45 10.36
CA ASP A 126 14.82 -12.96 11.30
C ASP A 126 14.72 -11.43 11.38
N HIS A 127 15.45 -10.87 12.31
CA HIS A 127 15.54 -9.43 12.52
C HIS A 127 16.24 -8.73 11.40
N GLU A 128 17.19 -9.42 10.76
CA GLU A 128 17.97 -8.78 9.73
C GLU A 128 17.04 -8.46 8.54
N ARG A 129 16.16 -9.40 8.25
CA ARG A 129 15.24 -9.22 7.12
C ARG A 129 14.01 -8.39 7.54
N MET A 130 13.49 -8.56 8.77
CA MET A 130 12.40 -7.69 9.21
C MET A 130 12.87 -6.22 9.19
N SER A 131 14.01 -5.91 9.81
CA SER A 131 14.45 -4.51 9.85
C SER A 131 14.73 -3.97 8.44
N TYR A 132 15.16 -4.84 7.51
CA TYR A 132 15.54 -4.38 6.16
C TYR A 132 14.27 -4.06 5.35
N LEU A 133 13.26 -4.89 5.49
CA LEU A 133 11.98 -4.67 4.86
C LEU A 133 11.34 -3.37 5.34
N LEU A 134 11.39 -3.15 6.65
CA LEU A 134 10.87 -1.94 7.29
C LEU A 134 11.64 -0.73 6.84
N TYR A 135 12.96 -0.85 6.80
CA TYR A 135 13.81 0.25 6.38
C TYR A 135 13.38 0.74 5.00
N GLN A 136 13.34 -0.22 4.09
CA GLN A 136 12.90 0.01 2.72
C GLN A 136 11.49 0.58 2.62
N MET A 137 10.55 0.09 3.43
CA MET A 137 9.22 0.69 3.42
C MET A 137 9.23 2.14 3.84
N LEU A 138 10.01 2.43 4.87
CA LEU A 138 10.12 3.78 5.38
C LEU A 138 10.80 4.70 4.36
N CYS A 139 11.83 4.21 3.66
CA CYS A 139 12.55 5.03 2.67
C CYS A 139 11.61 5.40 1.55
N GLY A 140 10.83 4.43 1.11
CA GLY A 140 9.82 4.68 0.09
C GLY A 140 8.75 5.68 0.51
N ILE A 141 8.20 5.48 1.70
CA ILE A 141 7.21 6.38 2.23
C ILE A 141 7.80 7.78 2.29
N LYS A 142 9.04 7.87 2.76
CA LYS A 142 9.73 9.14 2.90
C LYS A 142 9.75 9.86 1.56
N HIS A 143 10.07 9.10 0.53
CA HIS A 143 10.16 9.64 -0.83
C HIS A 143 8.83 10.20 -1.30
N LEU A 144 7.79 9.40 -1.20
CA LEU A 144 6.44 9.85 -1.43
C LEU A 144 6.10 11.13 -0.64
N HIS A 145 6.40 11.17 0.66
CA HIS A 145 6.06 12.37 1.41
C HIS A 145 6.79 13.59 0.86
N SER A 146 8.04 13.39 0.46
CA SER A 146 8.83 14.50 -0.05
C SER A 146 8.24 15.00 -1.37
N ALA A 147 7.60 14.10 -2.11
CA ALA A 147 7.02 14.49 -3.40
C ALA A 147 5.57 14.94 -3.25
N GLY A 148 5.10 15.06 -2.01
CA GLY A 148 3.77 15.61 -1.77
C GLY A 148 2.68 14.54 -1.72
N ILE A 149 3.09 13.28 -1.62
CA ILE A 149 2.15 12.17 -1.66
C ILE A 149 2.10 11.53 -0.28
N ILE A 150 0.94 11.60 0.37
CA ILE A 150 0.69 10.92 1.63
C ILE A 150 -0.26 9.78 1.30
N HIS A 151 0.22 8.54 1.47
CA HIS A 151 -0.43 7.37 0.91
C HIS A 151 -1.79 7.03 1.53
N ARG A 152 -1.76 6.77 2.85
CA ARG A 152 -2.93 6.53 3.69
C ARG A 152 -3.61 5.18 3.54
N ASP A 153 -3.17 4.36 2.59
CA ASP A 153 -3.72 3.02 2.44
C ASP A 153 -2.62 2.02 2.15
N LEU A 154 -1.48 2.20 2.81
CA LEU A 154 -0.40 1.25 2.73
C LEU A 154 -0.86 -0.08 3.32
N LYS A 155 -0.63 -1.18 2.61
CA LYS A 155 -1.09 -2.49 3.07
C LYS A 155 -0.26 -3.59 2.41
N PRO A 156 -0.23 -4.79 3.02
CA PRO A 156 0.69 -5.83 2.51
C PRO A 156 0.42 -6.29 1.10
N SER A 157 -0.81 -6.15 0.62
CA SER A 157 -1.17 -6.62 -0.70
C SER A 157 -0.63 -5.69 -1.75
N ASN A 158 -0.38 -4.42 -1.40
CA ASN A 158 0.15 -3.49 -2.37
C ASN A 158 1.63 -3.19 -2.14
N ILE A 159 2.33 -4.13 -1.49
CA ILE A 159 3.78 -4.06 -1.33
C ILE A 159 4.35 -5.43 -1.80
N VAL A 160 5.36 -5.40 -2.66
CA VAL A 160 5.92 -6.63 -3.23
C VAL A 160 7.40 -6.72 -2.97
N VAL A 161 7.91 -7.92 -2.97
CA VAL A 161 9.31 -8.14 -2.69
C VAL A 161 9.91 -9.19 -3.63
N LYS A 162 11.25 -9.19 -3.70
CA LYS A 162 12.00 -10.15 -4.46
C LYS A 162 12.68 -11.13 -3.50
N SER A 163 13.23 -12.22 -4.04
CA SER A 163 13.95 -13.20 -3.22
C SER A 163 15.16 -12.59 -2.54
N ASP A 164 15.75 -11.56 -3.13
CA ASP A 164 16.90 -10.90 -2.52
C ASP A 164 16.50 -9.89 -1.44
N CYS A 165 15.22 -9.86 -1.08
CA CYS A 165 14.62 -9.01 -0.03
C CYS A 165 14.47 -7.53 -0.40
N THR A 166 14.61 -7.24 -1.69
CA THR A 166 14.29 -5.93 -2.23
C THR A 166 12.79 -5.74 -2.09
N LEU A 167 12.37 -4.51 -1.82
CA LEU A 167 10.97 -4.18 -1.50
C LEU A 167 10.56 -2.99 -2.34
N LYS A 168 9.39 -3.08 -2.97
CA LYS A 168 8.79 -1.96 -3.69
C LYS A 168 7.30 -1.76 -3.33
N ILE A 169 6.87 -0.52 -3.21
CA ILE A 169 5.46 -0.20 -2.95
C ILE A 169 4.78 -0.05 -4.32
N LEU A 170 3.59 -0.63 -4.47
CA LEU A 170 2.92 -0.74 -5.77
C LEU A 170 2.05 0.44 -6.21
N ASP A 171 1.49 1.20 -5.27
CA ASP A 171 0.49 2.24 -5.56
C ASP A 171 0.70 3.52 -4.75
N PHE A 172 -0.09 4.56 -5.02
CA PHE A 172 0.13 5.84 -4.39
C PHE A 172 -1.01 6.24 -3.48
N GLY A 173 -1.86 5.27 -3.13
CA GLY A 173 -2.87 5.49 -2.14
C GLY A 173 -4.09 6.27 -2.55
N LEU A 174 -4.73 6.85 -1.54
CA LEU A 174 -5.99 7.55 -1.69
C LEU A 174 -5.90 8.88 -2.44
N ALA A 175 -7.00 9.27 -3.05
CA ALA A 175 -7.14 10.57 -3.66
C ALA A 175 -7.44 11.57 -2.54
N ARG A 176 -7.08 12.83 -2.73
CA ARG A 176 -7.26 13.83 -1.68
C ARG A 176 -8.73 14.18 -1.53
N THR A 177 -9.53 13.77 -2.50
CA THR A 177 -10.96 14.00 -2.49
C THR A 177 -11.70 12.87 -1.77
N ALA A 178 -12.07 11.84 -2.51
CA ALA A 178 -12.75 10.68 -1.95
C ALA A 178 -14.10 11.07 -1.33
N SER A 181 -17.51 8.70 -3.61
CA SER A 181 -17.02 7.48 -4.26
C SER A 181 -18.07 6.37 -4.17
N PHE A 182 -18.15 5.55 -5.21
CA PHE A 182 -19.15 4.50 -5.27
C PHE A 182 -18.80 3.42 -6.32
N MET A 183 -19.02 2.14 -5.97
CA MET A 183 -18.61 1.01 -6.82
C MET A 183 -19.77 0.03 -7.09
N MET A 184 -19.60 -0.82 -8.10
CA MET A 184 -20.56 -1.87 -8.44
C MET A 184 -19.95 -3.26 -8.36
N THR A 185 -18.72 -3.37 -8.86
CA THR A 185 -17.98 -4.64 -8.84
C THR A 185 -17.92 -5.21 -7.43
N PRO A 186 -18.41 -6.44 -7.23
CA PRO A 186 -18.32 -6.98 -5.87
C PRO A 186 -16.86 -7.31 -5.49
N TYR A 187 -16.19 -6.38 -4.82
CA TYR A 187 -14.85 -6.60 -4.32
C TYR A 187 -14.67 -5.85 -2.98
N VAL A 188 -14.09 -6.52 -1.98
CA VAL A 188 -13.96 -5.93 -0.65
C VAL A 188 -12.64 -5.18 -0.48
N VAL A 189 -12.72 -3.96 0.05
CA VAL A 189 -11.56 -3.12 0.29
C VAL A 189 -10.97 -3.54 1.63
N THR A 190 -9.65 -3.62 1.71
CA THR A 190 -8.97 -3.96 2.96
C THR A 190 -8.70 -2.69 3.75
N ARG A 191 -9.38 -2.56 4.89
CA ARG A 191 -9.35 -1.35 5.72
C ARG A 191 -8.46 -1.50 6.97
N TYR A 192 -7.95 -2.72 7.19
CA TYR A 192 -7.27 -3.08 8.44
C TYR A 192 -6.03 -2.26 8.81
N TYR A 193 -5.39 -1.64 7.83
CA TYR A 193 -4.11 -0.97 8.00
C TYR A 193 -4.28 0.55 8.10
N ARG A 194 -5.51 1.02 8.01
CA ARG A 194 -5.76 2.45 8.03
C ARG A 194 -5.64 3.08 9.42
N ALA A 195 -5.04 4.26 9.47
CA ALA A 195 -4.81 4.98 10.69
C ALA A 195 -6.11 5.46 11.35
N PRO A 196 -6.09 5.63 12.68
CA PRO A 196 -7.25 6.12 13.42
C PRO A 196 -7.87 7.34 12.78
N GLU A 197 -7.01 8.22 12.27
CA GLU A 197 -7.45 9.47 11.68
C GLU A 197 -8.20 9.18 10.36
N VAL A 198 -7.90 8.07 9.72
CA VAL A 198 -8.63 7.66 8.52
C VAL A 198 -9.92 6.95 8.96
N ILE A 199 -9.80 6.03 9.91
CA ILE A 199 -10.94 5.34 10.51
C ILE A 199 -12.02 6.32 10.98
N LEU A 200 -11.60 7.39 11.63
CA LEU A 200 -12.52 8.33 12.28
C LEU A 200 -12.82 9.60 11.49
N GLY A 201 -12.00 9.88 10.50
CA GLY A 201 -12.24 10.98 9.60
C GLY A 201 -11.72 12.31 10.08
N MET A 202 -10.49 12.35 10.56
CA MET A 202 -9.99 13.51 11.28
C MET A 202 -9.11 14.46 10.50
N GLY A 203 -8.57 14.05 9.40
CA GLY A 203 -7.47 14.81 8.86
C GLY A 203 -6.17 14.34 9.47
N TYR A 204 -5.08 14.58 8.77
CA TYR A 204 -3.86 13.82 8.95
C TYR A 204 -2.67 14.58 8.42
N LYS A 205 -1.51 14.08 8.80
CA LYS A 205 -0.23 14.61 8.34
C LYS A 205 0.57 13.38 7.90
N GLU A 206 1.85 13.58 7.60
CA GLU A 206 2.64 12.49 7.00
C GLU A 206 2.67 11.22 7.87
N ASN A 207 2.72 11.35 9.19
CA ASN A 207 2.91 10.14 10.00
C ASN A 207 1.63 9.30 10.08
N VAL A 208 0.59 9.67 9.32
CA VAL A 208 -0.56 8.77 9.12
C VAL A 208 -0.11 7.39 8.55
N ASP A 209 0.91 7.39 7.71
CA ASP A 209 1.43 6.17 7.10
C ASP A 209 2.21 5.31 8.09
N ILE A 210 2.73 5.91 9.15
CA ILE A 210 3.48 5.15 10.19
C ILE A 210 2.57 4.13 10.85
N TRP A 211 1.34 4.51 11.12
CA TRP A 211 0.38 3.58 11.70
C TRP A 211 0.34 2.32 10.89
N SER A 212 0.20 2.47 9.58
CA SER A 212 0.12 1.34 8.68
C SER A 212 1.37 0.41 8.76
N VAL A 213 2.56 0.99 8.77
CA VAL A 213 3.80 0.25 8.93
C VAL A 213 3.81 -0.50 10.29
N GLY A 214 3.30 0.16 11.32
CA GLY A 214 3.11 -0.46 12.61
C GLY A 214 2.21 -1.67 12.56
N CYS A 215 1.14 -1.57 11.80
CA CYS A 215 0.25 -2.70 11.64
C CYS A 215 0.95 -3.85 10.91
N ILE A 216 1.75 -3.51 9.91
CA ILE A 216 2.45 -4.51 9.12
C ILE A 216 3.52 -5.19 10.03
N MET A 217 4.33 -4.37 10.68
CA MET A 217 5.35 -4.86 11.61
C MET A 217 4.77 -5.76 12.65
N GLY A 218 3.68 -5.34 13.26
CA GLY A 218 3.06 -6.12 14.31
C GLY A 218 2.57 -7.48 13.84
N GLU A 219 2.03 -7.50 12.63
CA GLU A 219 1.51 -8.72 12.04
C GLU A 219 2.64 -9.68 11.67
N MET A 220 3.79 -9.14 11.30
CA MET A 220 4.97 -9.98 11.09
C MET A 220 5.35 -10.76 12.32
N VAL A 221 5.16 -10.14 13.50
CA VAL A 221 5.54 -10.71 14.79
C VAL A 221 4.48 -11.68 15.31
N ARG A 222 3.22 -11.27 15.23
CA ARG A 222 2.08 -12.01 15.77
C ARG A 222 1.48 -13.01 14.76
N HIS A 223 1.76 -12.80 13.46
CA HIS A 223 1.21 -13.57 12.33
C HIS A 223 -0.33 -13.59 12.31
N LYS A 224 -0.95 -12.59 12.92
CA LYS A 224 -2.40 -12.40 12.83
C LYS A 224 -2.68 -10.92 12.52
N ILE A 225 -3.73 -10.62 11.76
CA ILE A 225 -4.09 -9.23 11.53
C ILE A 225 -4.40 -8.60 12.88
N LEU A 226 -3.80 -7.44 13.13
CA LEU A 226 -3.94 -6.77 14.41
C LEU A 226 -5.33 -6.22 14.63
N PHE A 227 -5.87 -5.53 13.64
CA PHE A 227 -7.12 -4.83 13.83
C PHE A 227 -8.14 -5.16 12.75
N PRO A 228 -8.66 -6.39 12.76
CA PRO A 228 -9.72 -6.79 11.82
C PRO A 228 -11.10 -6.26 12.22
N GLY A 229 -12.11 -6.60 11.42
CA GLY A 229 -13.46 -6.11 11.63
C GLY A 229 -14.21 -5.92 10.34
N ARG A 230 -15.53 -6.13 10.36
CA ARG A 230 -16.38 -5.92 9.18
C ARG A 230 -16.35 -4.48 8.67
N ASP A 231 -16.39 -3.52 9.58
CA ASP A 231 -16.45 -2.11 9.22
C ASP A 231 -15.56 -1.31 10.17
N TYR A 232 -15.53 0.02 10.03
CA TYR A 232 -14.77 0.88 10.96
C TYR A 232 -15.30 0.77 12.40
N ILE A 233 -16.55 0.37 12.55
CA ILE A 233 -17.10 0.23 13.92
C ILE A 233 -16.31 -0.87 14.67
N ASP A 234 -16.27 -2.05 14.08
CA ASP A 234 -15.57 -3.21 14.65
C ASP A 234 -14.07 -2.95 14.74
N GLN A 235 -13.55 -2.25 13.75
CA GLN A 235 -12.12 -2.03 13.70
C GLN A 235 -11.66 -1.13 14.83
N TRP A 236 -12.42 -0.06 15.06
CA TRP A 236 -12.16 0.85 16.15
C TRP A 236 -12.21 0.11 17.48
N ASN A 237 -13.15 -0.82 17.61
CA ASN A 237 -13.27 -1.63 18.83
C ASN A 237 -11.98 -2.44 19.03
N LYS A 238 -11.48 -3.08 17.98
CA LYS A 238 -10.27 -3.88 18.10
C LYS A 238 -9.05 -3.02 18.49
N VAL A 239 -9.00 -1.79 17.98
CA VAL A 239 -7.91 -0.87 18.29
C VAL A 239 -7.92 -0.55 19.78
N ILE A 240 -9.06 -0.09 20.28
CA ILE A 240 -9.12 0.32 21.68
C ILE A 240 -9.02 -0.88 22.66
N GLU A 241 -9.61 -2.03 22.33
CA GLU A 241 -9.43 -3.26 23.14
C GLU A 241 -7.96 -3.63 23.40
N GLN A 242 -7.07 -3.27 22.47
CA GLN A 242 -5.66 -3.64 22.56
C GLN A 242 -4.80 -2.50 23.08
N LEU A 243 -4.97 -1.33 22.49
CA LEU A 243 -4.15 -0.17 22.84
C LEU A 243 -4.78 0.66 23.95
N GLY A 244 -5.99 0.30 24.35
CA GLY A 244 -6.74 1.07 25.33
C GLY A 244 -7.39 2.30 24.73
N THR A 245 -8.43 2.79 25.41
CA THR A 245 -9.05 4.05 25.05
C THR A 245 -8.00 5.17 25.07
N PRO A 246 -8.07 6.12 24.13
CA PRO A 246 -7.08 7.20 24.13
C PRO A 246 -7.41 8.30 25.12
N CYS A 247 -6.50 9.24 25.30
CA CYS A 247 -6.65 10.32 26.28
C CYS A 247 -7.63 11.41 25.86
N PRO A 248 -8.01 12.29 26.81
CA PRO A 248 -8.95 13.36 26.47
C PRO A 248 -8.35 14.38 25.48
N GLU A 249 -7.09 14.75 25.72
CA GLU A 249 -6.35 15.59 24.78
C GLU A 249 -6.55 15.17 23.33
N PHE A 250 -6.56 13.86 23.07
CA PHE A 250 -6.80 13.34 21.72
C PHE A 250 -8.22 13.64 21.25
N MET A 251 -9.18 13.29 22.09
CA MET A 251 -10.57 13.37 21.70
C MET A 251 -11.06 14.82 21.52
N LYS A 252 -10.37 15.81 22.11
CA LYS A 252 -10.66 17.23 21.86
C LYS A 252 -10.36 17.61 20.41
N LYS A 253 -9.59 16.78 19.75
CA LYS A 253 -9.18 17.06 18.38
C LYS A 253 -10.20 16.50 17.39
N LEU A 254 -11.29 15.91 17.88
CA LEU A 254 -12.28 15.28 17.01
C LEU A 254 -13.52 16.15 16.85
N GLN A 255 -14.07 16.19 15.63
CA GLN A 255 -15.34 16.85 15.35
C GLN A 255 -16.40 16.43 16.38
N PRO A 256 -17.44 17.26 16.54
CA PRO A 256 -18.38 17.00 17.64
C PRO A 256 -19.05 15.65 17.57
N THR A 257 -19.52 15.25 16.40
CA THR A 257 -20.25 14.00 16.27
C THR A 257 -19.36 12.76 16.45
N VAL A 258 -18.13 12.80 15.95
CA VAL A 258 -17.25 11.65 16.11
C VAL A 258 -16.66 11.65 17.52
N ARG A 259 -16.61 12.81 18.18
CA ARG A 259 -16.26 12.88 19.58
C ARG A 259 -17.23 12.08 20.43
N ASN A 260 -18.51 12.24 20.12
CA ASN A 260 -19.59 11.67 20.93
C ASN A 260 -19.59 10.17 20.79
N TYR A 261 -19.37 9.71 19.56
CA TYR A 261 -19.29 8.29 19.29
C TYR A 261 -18.15 7.66 20.09
N VAL A 262 -16.95 8.21 19.96
CA VAL A 262 -15.73 7.65 20.55
C VAL A 262 -15.75 7.70 22.07
N GLU A 263 -16.26 8.79 22.62
CA GLU A 263 -16.36 8.92 24.06
C GLU A 263 -17.44 8.06 24.67
N ASN A 264 -18.41 7.61 23.87
CA ASN A 264 -19.47 6.79 24.42
C ASN A 264 -19.31 5.27 24.18
N ARG A 265 -18.26 4.85 23.49
CA ARG A 265 -17.96 3.42 23.38
C ARG A 265 -17.47 2.88 24.72
N PRO A 266 -17.71 1.57 24.99
CA PRO A 266 -17.19 0.92 26.19
C PRO A 266 -15.72 1.18 26.33
N LYS A 267 -15.27 1.58 27.51
CA LYS A 267 -13.86 1.86 27.71
C LYS A 267 -13.01 0.61 27.93
N TYR A 268 -11.73 0.75 27.65
CA TYR A 268 -10.74 -0.28 27.89
C TYR A 268 -9.45 0.35 28.38
N ALA A 269 -8.77 -0.30 29.32
CA ALA A 269 -7.47 0.14 29.77
C ALA A 269 -6.39 -0.18 28.73
N GLY A 270 -6.62 -1.21 27.93
CA GLY A 270 -5.65 -1.63 26.93
C GLY A 270 -4.57 -2.53 27.53
N LEU A 271 -3.59 -2.90 26.70
CA LEU A 271 -2.51 -3.83 27.08
C LEU A 271 -1.16 -3.13 27.02
N THR A 272 -0.22 -3.56 27.84
CA THR A 272 1.15 -3.06 27.75
C THR A 272 1.75 -3.69 26.49
N PHE A 273 2.81 -3.11 25.93
CA PHE A 273 3.38 -3.70 24.72
C PHE A 273 4.06 -5.06 24.98
N PRO A 274 4.71 -5.27 26.14
CA PRO A 274 5.13 -6.66 26.38
C PRO A 274 3.97 -7.67 26.33
N LYS A 275 2.80 -7.33 26.85
CA LYS A 275 1.65 -8.24 26.78
C LYS A 275 1.11 -8.37 25.36
N LEU A 276 1.14 -7.29 24.59
CA LEU A 276 0.67 -7.33 23.19
C LEU A 276 1.61 -8.15 22.29
N PHE A 277 2.91 -8.07 22.56
CA PHE A 277 3.95 -8.71 21.76
C PHE A 277 4.99 -9.36 22.68
N PRO A 278 4.62 -10.48 23.33
CA PRO A 278 5.50 -11.11 24.31
C PRO A 278 6.78 -11.68 23.74
N ASP A 279 7.72 -11.93 24.65
CA ASP A 279 9.04 -12.48 24.33
C ASP A 279 8.91 -13.72 23.47
N SER A 280 7.88 -14.52 23.75
CA SER A 280 7.58 -15.72 22.97
C SER A 280 7.61 -15.55 21.45
N LEU A 281 7.13 -14.41 20.96
CA LEU A 281 6.99 -14.19 19.52
C LEU A 281 8.29 -13.83 18.79
N PHE A 282 9.38 -13.64 19.54
CA PHE A 282 10.61 -13.11 18.96
C PHE A 282 11.73 -14.13 18.92
N PRO A 283 12.57 -14.03 17.88
CA PRO A 283 13.86 -14.71 18.06
C PRO A 283 14.52 -13.99 19.19
N ALA A 284 14.94 -14.74 20.20
CA ALA A 284 15.62 -14.17 21.33
C ALA A 284 16.42 -15.26 22.08
N ASP A 285 17.43 -15.83 21.40
CA ASP A 285 18.26 -16.94 21.91
C ASP A 285 19.71 -16.50 22.23
N SER A 286 20.33 -15.79 21.29
CA SER A 286 21.61 -15.10 21.47
C SER A 286 21.41 -13.71 22.08
N GLU A 287 22.50 -13.12 22.59
CA GLU A 287 22.41 -11.78 23.14
C GLU A 287 22.00 -10.81 22.00
N HIS A 288 22.50 -11.08 20.79
CA HIS A 288 22.17 -10.26 19.63
C HIS A 288 20.65 -10.14 19.44
N ASN A 289 20.00 -11.29 19.47
CA ASN A 289 18.58 -11.36 19.26
C ASN A 289 17.81 -10.78 20.44
N LYS A 290 18.33 -10.96 21.66
CA LYS A 290 17.71 -10.42 22.87
C LYS A 290 17.57 -8.91 22.73
N LEU A 291 18.64 -8.27 22.30
CA LEU A 291 18.67 -6.84 22.14
C LEU A 291 17.77 -6.38 20.98
N LYS A 292 17.90 -7.03 19.81
CA LYS A 292 17.07 -6.70 18.67
C LYS A 292 15.59 -6.88 18.97
N ALA A 293 15.24 -7.87 19.78
CA ALA A 293 13.84 -8.03 20.18
C ALA A 293 13.35 -6.83 20.98
N SER A 294 14.19 -6.41 21.91
CA SER A 294 13.92 -5.26 22.77
C SER A 294 13.67 -4.03 21.96
N GLN A 295 14.56 -3.80 21.01
CA GLN A 295 14.47 -2.67 20.09
C GLN A 295 13.23 -2.74 19.21
N ALA A 296 12.94 -3.92 18.69
CA ALA A 296 11.77 -4.14 17.84
C ALA A 296 10.48 -3.75 18.56
N ARG A 297 10.36 -4.13 19.84
CA ARG A 297 9.11 -3.91 20.54
C ARG A 297 9.00 -2.42 20.85
N ASP A 298 10.15 -1.80 21.09
CA ASP A 298 10.18 -0.36 21.34
C ASP A 298 9.70 0.43 20.10
N LEU A 299 10.12 0.03 18.90
CA LEU A 299 9.69 0.73 17.69
C LEU A 299 8.18 0.54 17.50
N LEU A 300 7.73 -0.69 17.71
CA LEU A 300 6.32 -1.00 17.61
C LEU A 300 5.51 -0.10 18.51
N SER A 301 6.00 0.09 19.74
CA SER A 301 5.28 0.84 20.76
C SER A 301 5.17 2.31 20.35
N LYS A 302 6.13 2.78 19.56
CA LYS A 302 6.14 4.15 19.09
C LYS A 302 5.35 4.38 17.77
N MET A 303 5.10 3.32 17.00
CA MET A 303 4.34 3.43 15.75
C MET A 303 2.84 3.23 15.94
N LEU A 304 2.47 2.23 16.74
CA LEU A 304 1.09 1.96 17.08
C LEU A 304 0.62 2.79 18.24
N VAL A 305 0.49 4.10 18.02
CA VAL A 305 -0.16 4.94 18.99
C VAL A 305 -1.30 5.71 18.33
N ILE A 306 -2.44 5.78 19.03
CA ILE A 306 -3.66 6.27 18.45
C ILE A 306 -3.50 7.74 18.10
N ASP A 307 -2.88 8.52 18.96
CA ASP A 307 -2.87 9.98 18.79
C ASP A 307 -1.70 10.33 17.89
N PRO A 308 -1.94 10.94 16.72
CA PRO A 308 -0.80 11.16 15.81
C PRO A 308 0.19 12.17 16.37
N ALA A 309 -0.29 12.95 17.33
CA ALA A 309 0.55 13.94 18.00
C ALA A 309 1.65 13.28 18.81
N LYS A 310 1.39 12.07 19.31
CA LYS A 310 2.35 11.29 20.08
C LYS A 310 3.10 10.20 19.23
N ARG A 311 2.60 9.89 18.05
CA ARG A 311 3.19 8.87 17.18
C ARG A 311 4.54 9.28 16.57
N ILE A 312 5.45 8.32 16.36
CA ILE A 312 6.77 8.65 15.79
C ILE A 312 6.64 9.07 14.32
N SER A 313 7.49 10.00 13.90
CA SER A 313 7.57 10.44 12.50
C SER A 313 8.32 9.42 11.68
N VAL A 314 8.32 9.61 10.37
CA VAL A 314 9.08 8.74 9.47
C VAL A 314 10.57 8.94 9.73
N ASP A 315 10.99 10.19 9.86
CA ASP A 315 12.40 10.48 10.00
C ASP A 315 12.97 9.92 11.29
N ASP A 316 12.21 10.00 12.37
CA ASP A 316 12.64 9.51 13.67
C ASP A 316 12.66 7.99 13.61
N ALA A 317 11.70 7.42 12.89
CA ALA A 317 11.68 5.96 12.70
C ALA A 317 12.90 5.44 11.94
N LEU A 318 13.28 6.12 10.86
CA LEU A 318 14.46 5.70 10.11
C LEU A 318 15.72 5.85 10.96
N GLN A 319 15.69 6.74 11.93
CA GLN A 319 16.84 6.98 12.78
C GLN A 319 16.91 5.96 13.92
N HIS A 320 15.82 5.26 14.18
CA HIS A 320 15.71 4.32 15.29
C HIS A 320 16.68 3.14 15.21
N PRO A 321 17.28 2.73 16.37
CA PRO A 321 18.30 1.68 16.38
C PRO A 321 17.96 0.38 15.68
N TYR A 322 16.70 -0.03 15.70
CA TYR A 322 16.29 -1.24 15.01
C TYR A 322 16.47 -1.10 13.52
N ILE A 323 16.34 0.11 13.01
CA ILE A 323 16.26 0.36 11.57
C ILE A 323 17.52 1.01 11.01
N ASN A 324 18.25 1.78 11.83
CA ASN A 324 19.30 2.64 11.27
C ASN A 324 20.57 1.88 10.91
N VAL A 325 20.58 0.56 11.08
CA VAL A 325 21.76 -0.22 10.71
C VAL A 325 21.89 -0.28 9.18
N TRP A 326 20.82 0.07 8.49
CA TRP A 326 20.77 0.06 7.02
C TRP A 326 20.95 1.43 6.39
N TYR A 327 21.11 2.46 7.22
CA TYR A 327 21.23 3.83 6.71
C TYR A 327 22.43 3.97 5.75
N ASP A 328 22.25 4.78 4.71
CA ASP A 328 23.30 5.06 3.74
C ASP A 328 23.11 6.46 3.15
N GLN A 343 0.80 20.84 -13.10
CA GLN A 343 1.20 19.56 -12.54
C GLN A 343 0.08 18.94 -11.73
N LEU A 344 -0.43 19.69 -10.76
CA LEU A 344 -1.47 19.17 -9.84
C LEU A 344 -2.79 18.98 -10.58
N ASP A 345 -3.49 17.87 -10.30
CA ASP A 345 -4.85 17.68 -10.80
C ASP A 345 -5.64 16.75 -9.87
N GLU A 346 -6.81 17.22 -9.43
CA GLU A 346 -7.68 16.45 -8.57
C GLU A 346 -9.12 16.97 -8.71
N ARG A 347 -9.61 16.98 -9.95
CA ARG A 347 -10.85 17.66 -10.29
C ARG A 347 -11.84 16.68 -10.91
N GLU A 348 -13.11 17.09 -11.00
CA GLU A 348 -14.14 16.24 -11.61
C GLU A 348 -14.24 16.40 -13.13
N HIS A 349 -14.57 15.30 -13.81
CA HIS A 349 -14.68 15.24 -15.26
C HIS A 349 -15.70 14.19 -15.66
N THR A 350 -16.32 14.34 -16.83
CA THR A 350 -17.19 13.29 -17.36
C THR A 350 -16.41 12.06 -17.89
N ILE A 351 -17.11 11.06 -18.40
CA ILE A 351 -16.49 9.88 -18.98
C ILE A 351 -15.62 10.26 -20.17
N GLU A 352 -16.22 10.93 -21.15
CA GLU A 352 -15.50 11.28 -22.37
C GLU A 352 -14.28 12.16 -22.10
N GLU A 353 -14.39 13.01 -21.09
CA GLU A 353 -13.25 13.84 -20.69
C GLU A 353 -12.12 13.01 -20.10
N TRP A 354 -12.49 12.09 -19.21
CA TRP A 354 -11.54 11.20 -18.61
C TRP A 354 -10.85 10.28 -19.66
N LYS A 355 -11.66 9.74 -20.58
CA LYS A 355 -11.18 8.84 -21.61
C LYS A 355 -10.08 9.51 -22.44
N GLU A 356 -10.26 10.79 -22.75
CA GLU A 356 -9.25 11.51 -23.54
C GLU A 356 -8.01 11.85 -22.74
N LEU A 357 -8.21 12.32 -21.51
CA LEU A 357 -7.11 12.62 -20.60
C LEU A 357 -6.17 11.41 -20.43
N ILE A 358 -6.77 10.23 -20.27
CA ILE A 358 -6.00 9.01 -20.07
C ILE A 358 -5.38 8.56 -21.37
N TYR A 359 -6.10 8.71 -22.47
CA TYR A 359 -5.56 8.29 -23.77
C TYR A 359 -4.31 9.09 -24.11
N LYS A 360 -4.34 10.39 -23.89
CA LYS A 360 -3.19 11.18 -24.26
C LYS A 360 -2.03 10.92 -23.33
N GLU A 361 -2.28 10.58 -22.06
CA GLU A 361 -1.18 10.20 -21.18
C GLU A 361 -0.55 8.93 -21.70
N VAL A 362 -1.37 8.05 -22.27
CA VAL A 362 -0.90 6.77 -22.73
C VAL A 362 -0.07 6.97 -24.02
N MET A 363 -0.57 7.83 -24.92
CA MET A 363 0.15 8.24 -26.13
C MET A 363 0.91 9.53 -25.83
N ASN A 364 1.87 9.44 -24.91
CA ASN A 364 2.63 10.58 -24.42
C ASN A 364 3.15 11.50 -25.52
C10 4F2 B . 3.63 -11.37 -6.60
C11 4F2 B . 3.73 -11.46 -8.11
C12 4F2 B . 4.09 -12.92 -8.47
C13 4F2 B . 3.21 -13.98 -7.83
C18 4F2 B . 3.63 -6.56 -9.79
C19 4F2 B . 3.21 -5.26 -10.14
C20 4F2 B . 1.95 -4.82 -9.96
C21 4F2 B . 0.89 -5.64 -9.37
C24 4F2 B . 0.30 -7.81 -8.34
C25 4F2 B . 0.60 -7.98 -6.80
C26 4F2 B . 0.49 -9.42 -6.39
C28 4F2 B . 0.07 -9.25 -8.76
C29 4F2 B . 2.66 -7.42 -9.21
C15 4F2 B . 4.32 -9.12 -8.99
C01 4F2 B . 4.74 -18.53 -6.56
C02 4F2 B . 3.49 -18.16 -5.70
C03 4F2 B . 2.34 -19.15 -6.10
N04 4F2 B . 3.22 -16.71 -5.87
C05 4F2 B . 1.99 -16.02 -5.49
O06 4F2 B . 1.04 -16.60 -4.98
N07 4F2 B . 1.88 -14.62 -5.73
C08 4F2 B . 2.95 -13.78 -6.32
C09 4F2 B . 2.64 -12.30 -6.01
N14 4F2 B . 4.65 -10.43 -8.64
N16 4F2 B . 5.28 -8.30 -9.55
C17 4F2 B . 4.89 -7.08 -9.92
O22 4F2 B . -0.25 -5.23 -9.21
N23 4F2 B . 1.34 -6.97 -9.03
C27 4F2 B . -0.41 -9.96 -7.49
N30 4F2 B . 3.04 -8.68 -8.83
H101 4F2 B . 3.45 -10.32 -6.31
H102 4F2 B . 4.61 -11.56 -6.12
H111 4F2 B . 2.72 -11.27 -8.56
H121 4F2 B . 4.10 -13.11 -9.58
H122 4F2 B . 5.15 -13.12 -8.23
H131 4F2 B . 2.25 -14.05 -8.40
H132 4F2 B . 3.60 -15.02 -7.98
H191 4F2 B . 3.93 -4.55 -10.61
H201 4F2 B . 1.57 -3.80 -10.24
H241 4F2 B . -0.72 -7.42 -8.51
H252 4F2 B . 1.61 -7.68 -6.54
H251 4F2 B . -0.09 -7.42 -6.16
H262 4F2 B . 1.52 -9.86 -6.39
H261 4F2 B . 0.13 -9.52 -5.33
H281 4F2 B . -0.67 -9.21 -9.57
H282 4F2 B . 1.00 -9.59 -9.21
H013 4F2 B . 4.49 -18.81 -7.59
H012 4F2 B . 5.48 -17.72 -6.66
H011 4F2 B . 5.27 -19.39 -6.15
H021 4F2 B . 3.78 -18.36 -4.65
H033 4F2 B . 2.41 -19.44 -7.15
H031 4F2 B . 1.33 -18.71 -6.00
H032 4F2 B . 2.28 -20.09 -5.53
H041 4F2 B . 3.98 -16.22 -6.28
H071 4F2 B . 1.07 -14.08 -5.48
H081 4F2 B . 3.89 -14.00 -5.76
H091 4F2 B . 1.60 -12.05 -6.33
H092 4F2 B . 2.60 -12.10 -4.91
H141 4F2 B . 5.60 -10.83 -8.71
H171 4F2 B . 5.73 -6.49 -10.39
H271 4F2 B . -0.30 -11.05 -7.60
H272 4F2 B . -1.44 -9.76 -7.23
#